data_4G0Q
#
_entry.id   4G0Q
#
_cell.length_a   37.103
_cell.length_b   60.861
_cell.length_c   69.120
_cell.angle_alpha   90.00
_cell.angle_beta   90.00
_cell.angle_gamma   90.00
#
_symmetry.space_group_name_H-M   'P 21 21 21'
#
loop_
_entity.id
_entity.type
_entity.pdbx_description
1 polymer 'Protein argonaute 1'
2 non-polymer "CYTIDINE-5'-MONOPHOSPHATE"
3 water water
#
_entity_poly.entity_id   1
_entity_poly.type   'polypeptide(L)'
_entity_poly.pdbx_seq_one_letter_code
;SNKKMINGGTVNNWICINFSRQVQDNLARTFCQELAQMCYVSGMAFNPEPVLPPVSARPEQVEKVLKTRYHDATSKLSQG
KEIDLLIVILPDNNGSLYGDLKRICETELGIVSQCCLTKHVFKMSKQYMANVALKINVKVGGRNTVL
;
_entity_poly.pdbx_strand_id   A
#
loop_
_chem_comp.id
_chem_comp.type
_chem_comp.name
_chem_comp.formula
C5P non-polymer CYTIDINE-5'-MONOPHOSPHATE 'C9 H14 N3 O8 P'
#
# COMPACT_ATOMS: atom_id res chain seq x y z
N SER A 1 -26.19 7.46 -1.53
CA SER A 1 -25.22 6.64 -2.24
C SER A 1 -23.81 7.13 -1.95
N ASN A 2 -22.97 6.25 -1.39
CA ASN A 2 -21.55 6.49 -1.30
C ASN A 2 -20.90 6.01 -2.58
N LYS A 3 -19.68 6.45 -2.85
CA LYS A 3 -18.98 5.97 -4.02
C LYS A 3 -18.81 4.46 -3.95
N LYS A 4 -18.76 3.82 -5.11
CA LYS A 4 -18.57 2.38 -5.23
C LYS A 4 -17.64 2.12 -6.39
N MET A 5 -17.17 0.89 -6.52
CA MET A 5 -16.35 0.57 -7.68
C MET A 5 -17.25 0.22 -8.86
N ILE A 6 -16.96 0.78 -10.03
CA ILE A 6 -17.61 0.39 -11.26
C ILE A 6 -16.86 -0.79 -11.90
N ASN A 7 -15.57 -0.59 -12.08
CA ASN A 7 -14.65 -1.62 -12.58
C ASN A 7 -13.56 -1.81 -11.54
N GLY A 8 -13.45 -3.02 -10.98
CA GLY A 8 -12.40 -3.30 -10.03
C GLY A 8 -11.09 -3.63 -10.72
N GLY A 9 -10.02 -2.97 -10.28
CA GLY A 9 -8.69 -3.26 -10.77
C GLY A 9 -8.11 -4.54 -10.18
N THR A 10 -6.85 -4.80 -10.52
CA THR A 10 -6.20 -6.05 -10.12
C THR A 10 -4.90 -5.78 -9.37
N VAL A 11 -4.76 -6.36 -8.18
CA VAL A 11 -3.51 -6.31 -7.41
C VAL A 11 -3.11 -7.74 -7.11
N ASN A 12 -2.31 -8.34 -7.98
CA ASN A 12 -1.87 -9.71 -7.77
C ASN A 12 -0.62 -9.77 -6.92
N ASN A 13 0.20 -8.74 -7.01
CA ASN A 13 1.47 -8.68 -6.30
C ASN A 13 1.71 -7.37 -5.57
N TRP A 14 1.78 -7.45 -4.25
CA TRP A 14 1.95 -6.24 -3.46
C TRP A 14 2.86 -6.48 -2.28
N ILE A 15 3.42 -5.41 -1.74
CA ILE A 15 4.23 -5.46 -0.51
C ILE A 15 3.92 -4.27 0.38
N CYS A 16 4.37 -4.36 1.63
CA CYS A 16 4.17 -3.30 2.60
C CYS A 16 5.51 -2.92 3.25
N ILE A 17 5.77 -1.62 3.36
CA ILE A 17 6.89 -1.14 4.12
C ILE A 17 6.35 -0.21 5.20
N ASN A 18 6.83 -0.40 6.42
CA ASN A 18 6.41 0.38 7.57
C ASN A 18 7.50 1.32 8.08
N PHE A 19 7.13 2.58 8.31
CA PHE A 19 8.08 3.59 8.78
C PHE A 19 7.71 4.11 10.18
N SER A 20 6.70 3.50 10.80
CA SER A 20 6.25 3.95 12.12
C SER A 20 6.76 3.06 13.26
N ARG A 21 7.50 3.64 14.21
CA ARG A 21 8.05 2.88 15.34
C ARG A 21 6.97 2.42 16.32
N GLN A 22 5.75 2.90 16.12
CA GLN A 22 4.64 2.52 16.98
C GLN A 22 3.97 1.27 16.47
N VAL A 23 4.36 0.82 15.28
CA VAL A 23 3.69 -0.30 14.63
C VAL A 23 4.62 -1.51 14.54
N GLN A 24 4.22 -2.61 15.17
CA GLN A 24 5.01 -3.84 15.10
C GLN A 24 4.65 -4.60 13.83
N ASP A 25 5.52 -5.52 13.41
CA ASP A 25 5.32 -6.28 12.18
C ASP A 25 3.92 -6.88 12.07
N ASN A 26 3.45 -7.50 13.14
CA ASN A 26 2.18 -8.19 13.12
C ASN A 26 0.99 -7.24 12.91
N LEU A 27 1.11 -6.01 13.39
CA LEU A 27 0.05 -5.04 13.20
C LEU A 27 0.00 -4.58 11.75
N ALA A 28 1.17 -4.35 11.15
CA ALA A 28 1.25 -4.02 9.73
C ALA A 28 0.61 -5.14 8.92
N ARG A 29 0.96 -6.37 9.26
CA ARG A 29 0.40 -7.56 8.62
C ARG A 29 -1.13 -7.59 8.69
N THR A 30 -1.66 -7.40 9.89
CA THR A 30 -3.10 -7.44 10.11
C THR A 30 -3.80 -6.30 9.37
N PHE A 31 -3.23 -5.10 9.43
CA PHE A 31 -3.79 -3.98 8.70
C PHE A 31 -3.90 -4.25 7.19
N CYS A 32 -2.83 -4.77 6.60
CA CYS A 32 -2.80 -5.05 5.16
C CYS A 32 -3.82 -6.13 4.79
N GLN A 33 -3.97 -7.12 5.67
CA GLN A 33 -4.94 -8.18 5.44
C GLN A 33 -6.36 -7.62 5.42
N GLU A 34 -6.67 -6.75 6.37
CA GLU A 34 -7.99 -6.10 6.38
C GLU A 34 -8.19 -5.23 5.15
N LEU A 35 -7.14 -4.52 4.74
CA LEU A 35 -7.22 -3.67 3.56
C LEU A 35 -7.41 -4.51 2.29
N ALA A 36 -6.64 -5.59 2.19
CA ALA A 36 -6.77 -6.48 1.03
C ALA A 36 -8.18 -7.05 0.95
N GLN A 37 -8.73 -7.44 2.10
CA GLN A 37 -10.07 -7.99 2.15
C GLN A 37 -11.12 -6.98 1.69
N MET A 38 -11.01 -5.73 2.15
CA MET A 38 -11.95 -4.69 1.74
C MET A 38 -11.87 -4.43 0.22
N CYS A 39 -10.66 -4.41 -0.33
CA CYS A 39 -10.49 -4.15 -1.74
C CYS A 39 -11.18 -5.24 -2.54
N TYR A 40 -10.99 -6.48 -2.11
CA TYR A 40 -11.58 -7.63 -2.77
C TYR A 40 -13.10 -7.60 -2.76
N VAL A 41 -13.68 -7.48 -1.56
CA VAL A 41 -15.13 -7.50 -1.47
C VAL A 41 -15.78 -6.29 -2.15
N SER A 42 -15.00 -5.22 -2.34
CA SER A 42 -15.53 -4.05 -3.06
C SER A 42 -15.56 -4.27 -4.58
N GLY A 43 -14.87 -5.29 -5.06
CA GLY A 43 -14.92 -5.63 -6.47
C GLY A 43 -13.58 -5.80 -7.18
N MET A 44 -12.47 -5.74 -6.43
CA MET A 44 -11.15 -5.89 -7.03
C MET A 44 -10.70 -7.34 -6.98
N ALA A 45 -9.77 -7.70 -7.86
CA ALA A 45 -8.97 -8.90 -7.66
C ALA A 45 -7.82 -8.45 -6.77
N PHE A 46 -7.64 -9.08 -5.62
CA PHE A 46 -6.61 -8.63 -4.69
C PHE A 46 -6.04 -9.81 -3.91
N ASN A 47 -4.79 -10.15 -4.19
CA ASN A 47 -4.12 -11.24 -3.50
C ASN A 47 -4.15 -11.04 -1.99
N PRO A 48 -4.67 -12.02 -1.24
CA PRO A 48 -4.73 -11.82 0.21
C PRO A 48 -3.34 -11.83 0.84
N GLU A 49 -2.34 -12.31 0.11
CA GLU A 49 -0.97 -12.43 0.64
C GLU A 49 0.03 -11.58 -0.15
N PRO A 50 0.95 -10.92 0.57
CA PRO A 50 1.98 -10.09 -0.08
C PRO A 50 3.12 -10.92 -0.62
N VAL A 51 3.91 -10.34 -1.51
CA VAL A 51 5.08 -11.01 -2.10
C VAL A 51 6.08 -11.34 -1.00
N LEU A 52 6.31 -10.37 -0.12
CA LEU A 52 7.19 -10.52 1.04
C LEU A 52 6.46 -9.94 2.23
N PRO A 53 6.80 -10.40 3.44
CA PRO A 53 6.21 -9.86 4.67
C PRO A 53 6.53 -8.38 4.82
N PRO A 54 5.80 -7.66 5.69
CA PRO A 54 6.13 -6.25 5.88
C PRO A 54 7.54 -6.13 6.44
N VAL A 55 8.20 -5.03 6.11
CA VAL A 55 9.49 -4.70 6.69
C VAL A 55 9.38 -3.35 7.37
N SER A 56 10.11 -3.17 8.47
CA SER A 56 10.11 -1.90 9.19
C SER A 56 11.43 -1.16 8.96
N ALA A 57 11.36 0.14 8.72
CA ALA A 57 12.55 0.92 8.42
C ALA A 57 12.44 2.30 9.03
N ARG A 58 13.59 2.94 9.22
CA ARG A 58 13.62 4.33 9.66
C ARG A 58 13.41 5.23 8.46
N PRO A 59 12.68 6.33 8.65
CA PRO A 59 12.43 7.29 7.57
C PRO A 59 13.72 7.76 6.90
N GLU A 60 14.81 7.83 7.67
CA GLU A 60 16.11 8.25 7.16
C GLU A 60 16.64 7.32 6.08
N GLN A 61 16.11 6.11 6.03
CA GLN A 61 16.58 5.14 5.06
C GLN A 61 15.55 4.87 3.97
N VAL A 62 14.67 5.83 3.73
CA VAL A 62 13.60 5.68 2.75
C VAL A 62 14.11 5.22 1.38
N GLU A 63 15.19 5.81 0.91
CA GLU A 63 15.67 5.50 -0.44
C GLU A 63 16.19 4.07 -0.48
N LYS A 64 17.00 3.72 0.51
CA LYS A 64 17.62 2.41 0.57
C LYS A 64 16.60 1.30 0.73
N VAL A 65 15.64 1.49 1.64
CA VAL A 65 14.66 0.45 1.92
C VAL A 65 13.74 0.23 0.73
N LEU A 66 13.31 1.32 0.10
CA LEU A 66 12.42 1.21 -1.05
C LEU A 66 13.07 0.48 -2.21
N LYS A 67 14.30 0.84 -2.53
CA LYS A 67 14.94 0.26 -3.69
C LYS A 67 15.30 -1.21 -3.43
N THR A 68 15.77 -1.49 -2.23
CA THR A 68 16.08 -2.87 -1.86
C THR A 68 14.83 -3.76 -1.83
N ARG A 69 13.75 -3.30 -1.19
CA ARG A 69 12.54 -4.13 -1.07
C ARG A 69 11.90 -4.33 -2.44
N TYR A 70 11.92 -3.28 -3.26
CA TYR A 70 11.44 -3.37 -4.63
C TYR A 70 12.22 -4.44 -5.40
N HIS A 71 13.55 -4.37 -5.31
CA HIS A 71 14.38 -5.36 -5.99
C HIS A 71 14.12 -6.78 -5.48
N ASP A 72 14.11 -6.96 -4.15
CA ASP A 72 13.90 -8.28 -3.58
C ASP A 72 12.54 -8.89 -3.92
N ALA A 73 11.48 -8.09 -3.83
CA ALA A 73 10.13 -8.58 -4.12
C ALA A 73 9.97 -8.93 -5.59
N THR A 74 10.50 -8.06 -6.45
CA THR A 74 10.36 -8.29 -7.88
C THR A 74 11.07 -9.59 -8.28
N SER A 75 12.29 -9.79 -7.76
CA SER A 75 13.06 -10.98 -8.11
C SER A 75 12.34 -12.27 -7.73
N LYS A 76 11.45 -12.18 -6.73
CA LYS A 76 10.67 -13.32 -6.28
C LYS A 76 9.51 -13.69 -7.23
N LEU A 77 9.19 -12.79 -8.16
CA LEU A 77 8.02 -12.99 -9.01
C LEU A 77 8.30 -13.88 -10.22
N SER A 78 7.28 -14.55 -10.73
CA SER A 78 7.39 -15.20 -12.02
C SER A 78 7.94 -14.19 -13.03
N GLN A 79 8.87 -14.62 -13.86
CA GLN A 79 9.60 -13.73 -14.76
C GLN A 79 8.65 -12.89 -15.63
N GLY A 80 8.83 -11.57 -15.59
CA GLY A 80 7.99 -10.68 -16.39
C GLY A 80 6.83 -10.09 -15.61
N LYS A 81 6.57 -10.60 -14.42
CA LYS A 81 5.51 -10.05 -13.59
C LYS A 81 6.07 -8.90 -12.76
N GLU A 82 5.22 -7.96 -12.37
CA GLU A 82 5.65 -6.77 -11.63
C GLU A 82 4.83 -6.53 -10.36
N ILE A 83 5.37 -5.75 -9.45
CA ILE A 83 4.65 -5.37 -8.24
C ILE A 83 3.58 -4.34 -8.57
N ASP A 84 2.33 -4.65 -8.18
CA ASP A 84 1.17 -3.85 -8.53
C ASP A 84 0.92 -2.70 -7.56
N LEU A 85 1.41 -2.85 -6.32
CA LEU A 85 1.11 -1.91 -5.24
C LEU A 85 2.09 -2.00 -4.08
N LEU A 86 2.53 -0.84 -3.59
CA LEU A 86 3.26 -0.75 -2.33
C LEU A 86 2.36 -0.05 -1.31
N ILE A 87 2.05 -0.74 -0.21
CA ILE A 87 1.38 -0.10 0.91
C ILE A 87 2.42 0.44 1.90
N VAL A 88 2.35 1.72 2.24
CA VAL A 88 3.31 2.29 3.18
C VAL A 88 2.61 2.80 4.41
N ILE A 89 3.13 2.39 5.57
CA ILE A 89 2.64 2.90 6.85
C ILE A 89 3.56 4.01 7.36
N LEU A 90 2.98 5.19 7.64
CA LEU A 90 3.75 6.36 7.99
C LEU A 90 3.39 6.86 9.38
N PRO A 91 4.36 7.43 10.10
CA PRO A 91 4.03 8.19 11.30
C PRO A 91 3.02 9.31 10.95
N ASP A 92 2.12 9.63 11.88
CA ASP A 92 1.12 10.68 11.64
C ASP A 92 1.80 11.97 11.19
N ASN A 93 2.86 12.34 11.91
CA ASN A 93 3.68 13.50 11.57
CA ASN A 93 3.67 13.48 11.54
C ASN A 93 5.00 13.01 10.99
N ASN A 94 5.11 13.01 9.66
CA ASN A 94 6.24 12.39 9.00
C ASN A 94 7.15 13.31 8.21
N GLY A 95 6.87 14.61 8.23
CA GLY A 95 7.75 15.58 7.59
C GLY A 95 7.93 15.32 6.11
N SER A 96 9.18 15.19 5.66
CA SER A 96 9.48 15.07 4.23
C SER A 96 9.30 13.63 3.71
N LEU A 97 9.00 12.71 4.61
CA LEU A 97 8.89 11.29 4.23
C LEU A 97 7.87 11.03 3.12
N TYR A 98 6.65 11.52 3.29
CA TYR A 98 5.62 11.32 2.26
C TYR A 98 6.10 11.77 0.89
N GLY A 99 6.65 12.99 0.82
CA GLY A 99 7.11 13.52 -0.46
C GLY A 99 8.27 12.74 -1.05
N ASP A 100 9.21 12.35 -0.20
CA ASP A 100 10.37 11.58 -0.65
C ASP A 100 9.89 10.24 -1.20
N LEU A 101 8.99 9.61 -0.47
CA LEU A 101 8.38 8.34 -0.85
CA LEU A 101 8.43 8.34 -0.87
C LEU A 101 7.77 8.43 -2.24
N LYS A 102 6.95 9.46 -2.44
CA LYS A 102 6.26 9.63 -3.73
C LYS A 102 7.21 9.87 -4.89
N ARG A 103 8.24 10.68 -4.68
CA ARG A 103 9.19 10.98 -5.75
C ARG A 103 9.91 9.70 -6.19
N ILE A 104 10.36 8.92 -5.20
CA ILE A 104 11.04 7.65 -5.47
C ILE A 104 10.14 6.65 -6.19
N CYS A 105 8.91 6.48 -5.71
CA CYS A 105 7.98 5.53 -6.32
C CYS A 105 7.56 5.98 -7.72
N GLU A 106 7.26 7.26 -7.86
CA GLU A 106 6.77 7.78 -9.15
C GLU A 106 7.87 7.83 -10.21
N THR A 107 9.04 8.36 -9.85
CA THR A 107 10.04 8.69 -10.88
C THR A 107 11.25 7.77 -10.94
N GLU A 108 11.41 6.90 -9.95
CA GLU A 108 12.55 5.98 -9.95
C GLU A 108 12.15 4.52 -10.06
N LEU A 109 11.17 4.10 -9.25
CA LEU A 109 10.72 2.71 -9.28
C LEU A 109 9.56 2.50 -10.24
N GLY A 110 8.77 3.54 -10.46
CA GLY A 110 7.58 3.40 -11.27
C GLY A 110 6.63 2.42 -10.62
N ILE A 111 6.35 2.63 -9.34
CA ILE A 111 5.41 1.76 -8.64
C ILE A 111 4.27 2.57 -8.03
N VAL A 112 3.06 2.02 -8.11
CA VAL A 112 1.90 2.63 -7.46
C VAL A 112 2.02 2.44 -5.95
N SER A 113 1.69 3.48 -5.20
CA SER A 113 1.83 3.42 -3.74
C SER A 113 0.63 4.03 -3.04
N GLN A 114 0.34 3.51 -1.86
CA GLN A 114 -0.75 4.01 -1.03
C GLN A 114 -0.24 4.20 0.39
N CYS A 115 -0.25 5.43 0.86
CA CYS A 115 0.25 5.73 2.21
C CYS A 115 -0.89 5.72 3.23
N CYS A 116 -0.59 5.18 4.41
CA CYS A 116 -1.57 5.05 5.49
C CYS A 116 -0.95 5.50 6.81
N LEU A 117 -1.62 6.44 7.49
CA LEU A 117 -1.08 6.95 8.75
C LEU A 117 -1.30 6.00 9.92
N THR A 118 -0.34 6.01 10.84
CA THR A 118 -0.38 5.19 12.05
C THR A 118 -1.73 5.28 12.76
N LYS A 119 -2.30 6.47 12.85
CA LYS A 119 -3.55 6.60 13.59
C LYS A 119 -4.64 5.73 12.98
N HIS A 120 -4.66 5.64 11.65
CA HIS A 120 -5.66 4.84 10.96
C HIS A 120 -5.38 3.35 11.05
N VAL A 121 -4.11 3.00 11.14
CA VAL A 121 -3.72 1.61 11.28
C VAL A 121 -4.17 1.03 12.63
N PHE A 122 -4.09 1.86 13.67
CA PHE A 122 -4.56 1.42 14.98
C PHE A 122 -6.08 1.31 15.04
N LYS A 123 -6.78 2.18 14.31
CA LYS A 123 -8.23 2.21 14.38
C LYS A 123 -8.87 1.16 13.47
N MET A 124 -8.32 1.01 12.27
CA MET A 124 -8.83 0.06 11.29
C MET A 124 -10.35 0.05 11.22
N SER A 125 -10.95 1.21 10.98
CA SER A 125 -12.39 1.28 10.82
C SER A 125 -12.77 0.85 9.41
N LYS A 126 -13.97 0.31 9.26
CA LYS A 126 -14.45 -0.14 7.97
C LYS A 126 -14.61 1.03 7.00
N GLN A 127 -15.04 2.19 7.50
CA GLN A 127 -15.17 3.34 6.62
C GLN A 127 -13.82 3.78 6.06
N TYR A 128 -12.80 3.79 6.90
CA TYR A 128 -11.47 4.14 6.45
C TYR A 128 -11.04 3.15 5.36
N MET A 129 -11.16 1.86 5.65
CA MET A 129 -10.73 0.83 4.72
C MET A 129 -11.41 1.01 3.37
N ALA A 130 -12.72 1.26 3.39
CA ALA A 130 -13.50 1.41 2.18
C ALA A 130 -12.97 2.57 1.33
N ASN A 131 -12.68 3.68 1.98
CA ASN A 131 -12.11 4.84 1.31
C ASN A 131 -10.75 4.55 0.69
N VAL A 132 -9.89 3.87 1.42
CA VAL A 132 -8.56 3.57 0.89
C VAL A 132 -8.66 2.59 -0.29
N ALA A 133 -9.58 1.64 -0.20
CA ALA A 133 -9.86 0.73 -1.31
C ALA A 133 -10.23 1.50 -2.56
N LEU A 134 -11.08 2.52 -2.41
CA LEU A 134 -11.48 3.32 -3.55
C LEU A 134 -10.27 4.02 -4.19
N LYS A 135 -9.38 4.55 -3.35
CA LYS A 135 -8.18 5.23 -3.84
C LYS A 135 -7.26 4.27 -4.58
N ILE A 136 -7.04 3.11 -3.98
CA ILE A 136 -6.20 2.08 -4.60
C ILE A 136 -6.76 1.67 -5.95
N ASN A 137 -8.07 1.48 -6.02
CA ASN A 137 -8.71 1.06 -7.26
C ASN A 137 -8.41 2.00 -8.41
N VAL A 138 -8.56 3.30 -8.19
CA VAL A 138 -8.26 4.28 -9.22
C VAL A 138 -6.80 4.19 -9.65
N LYS A 139 -5.91 4.05 -8.66
CA LYS A 139 -4.49 4.04 -8.92
C LYS A 139 -4.02 2.87 -9.77
N VAL A 140 -4.70 1.74 -9.65
CA VAL A 140 -4.27 0.58 -10.43
C VAL A 140 -5.06 0.42 -11.73
N GLY A 141 -5.89 1.42 -12.03
CA GLY A 141 -6.57 1.44 -13.31
C GLY A 141 -8.04 1.10 -13.28
N GLY A 142 -8.57 0.88 -12.08
CA GLY A 142 -9.99 0.65 -11.91
C GLY A 142 -10.78 1.93 -12.08
N ARG A 143 -12.10 1.84 -11.96
CA ARG A 143 -12.98 3.00 -12.13
C ARG A 143 -14.02 3.01 -11.02
N ASN A 144 -14.24 4.18 -10.42
CA ASN A 144 -15.26 4.33 -9.37
C ASN A 144 -16.41 5.20 -9.83
N THR A 145 -17.54 5.09 -9.14
CA THR A 145 -18.69 5.92 -9.46
C THR A 145 -18.40 7.36 -9.04
N VAL A 146 -19.20 8.30 -9.55
CA VAL A 146 -19.15 9.66 -9.05
C VAL A 146 -20.43 9.99 -8.31
N LEU A 147 -20.35 10.88 -7.33
CA LEU A 147 -21.51 11.25 -6.53
C LEU A 147 -22.50 12.12 -7.31
O3P C5P B . -1.25 9.89 -1.51
P C5P B . -1.77 8.62 -0.72
O1P C5P B . -0.63 7.56 -1.09
O2P C5P B . -3.10 8.22 -1.21
O5' C5P B . -1.72 8.94 0.89
C5' C5P B . -2.90 9.33 1.61
C4' C5P B . -2.49 9.75 3.08
O4' C5P B . -1.19 10.37 3.17
C3' C5P B . -3.50 10.54 3.98
O3' C5P B . -4.34 9.88 4.86
C2' C5P B . -2.72 11.86 4.33
O2' C5P B . -3.10 12.62 5.42
C1' C5P B . -1.19 11.50 4.05
N1 C5P B . -0.14 12.50 3.64
C2 C5P B . 0.98 12.94 4.43
N3 C5P B . 1.83 13.98 3.96
C4 C5P B . 1.54 14.62 2.85
C5 C5P B . 0.37 14.32 2.09
C6 C5P B . -0.42 13.28 2.49
O2 C5P B . 1.26 12.27 5.41
N4 C5P B . 2.45 15.62 2.32
#